data_6SWB
#
_entry.id   6SWB
#
_cell.length_a   32.499
_cell.length_b   41.918
_cell.length_c   43.981
_cell.angle_alpha   83.460
_cell.angle_beta   89.980
_cell.angle_gamma   71.110
#
_symmetry.space_group_name_H-M   'P 1'
#
loop_
_entity.id
_entity.type
_entity.pdbx_description
1 polymer 'Two-component response regulator'
2 non-polymer DI(HYDROXYETHYL)ETHER
3 water water
#
_entity_poly.entity_id   1
_entity_poly.type   'polypeptide(L)'
_entity_poly.pdbx_seq_one_letter_code
;HHHHHHWKVLIADDEAIIREGIRESIDWNEFNMEVVAEAEDGEEALELALRHRVDVLFVDLSMPIMDGLTLMKYAREKLP
NCHMIVITGYDEFSYAQEAIRLQVDDYLLKPTDPQRLREVVAKVKEKLEQEQKEK
;
_entity_poly.pdbx_strand_id   A,B
#
loop_
_chem_comp.id
_chem_comp.type
_chem_comp.name
_chem_comp.formula
PEG non-polymer DI(HYDROXYETHYL)ETHER 'C4 H10 O3'
#
# COMPACT_ATOMS: atom_id res chain seq x y z
N HIS A 4 0.82 -31.56 -10.94
CA HIS A 4 2.10 -31.50 -11.70
C HIS A 4 3.28 -31.51 -10.72
N HIS A 5 3.61 -30.34 -10.17
CA HIS A 5 4.71 -30.20 -9.18
C HIS A 5 4.49 -28.92 -8.37
N HIS A 6 4.90 -28.92 -7.11
CA HIS A 6 4.69 -27.76 -6.18
C HIS A 6 5.33 -26.48 -6.71
N TRP A 7 4.65 -25.35 -6.53
CA TRP A 7 5.22 -24.03 -6.88
C TRP A 7 6.21 -23.69 -5.77
N LYS A 8 7.36 -23.11 -6.10
CA LYS A 8 8.42 -22.86 -5.08
C LYS A 8 8.28 -21.45 -4.49
N VAL A 9 8.25 -21.37 -3.17
CA VAL A 9 8.08 -20.11 -2.46
C VAL A 9 9.38 -19.73 -1.74
N LEU A 10 9.73 -18.46 -1.85
CA LEU A 10 10.83 -17.88 -1.09
C LEU A 10 10.25 -16.83 -0.14
N ILE A 11 10.71 -16.84 1.09
CA ILE A 11 10.36 -15.84 2.07
C ILE A 11 11.61 -15.04 2.39
N ALA A 12 11.58 -13.75 2.09
CA ALA A 12 12.70 -12.85 2.34
C ALA A 12 12.25 -11.82 3.37
N ASP A 13 12.92 -11.78 4.52
CA ASP A 13 12.57 -10.83 5.56
C ASP A 13 13.74 -10.73 6.52
N ASP A 14 14.01 -9.52 7.00
CA ASP A 14 15.13 -9.28 7.89
C ASP A 14 14.86 -9.68 9.35
N GLU A 15 13.73 -10.31 9.65
CA GLU A 15 13.49 -10.81 11.01
C GLU A 15 13.06 -12.26 10.98
N ALA A 16 13.82 -13.12 11.66
CA ALA A 16 13.54 -14.54 11.66
C ALA A 16 12.13 -14.84 12.16
N ILE A 17 11.68 -14.08 13.16
CA ILE A 17 10.39 -14.34 13.79
C ILE A 17 9.25 -14.12 12.82
N ILE A 18 9.46 -13.29 11.80
CA ILE A 18 8.47 -13.09 10.75
C ILE A 18 8.57 -14.20 9.70
N ARG A 19 9.80 -14.57 9.31
CA ARG A 19 9.97 -15.66 8.34
C ARG A 19 9.47 -16.98 8.88
N GLU A 20 9.76 -17.26 10.15
CA GLU A 20 9.23 -18.48 10.78
C GLU A 20 7.71 -18.41 10.89
N GLY A 21 7.20 -17.27 11.35
CA GLY A 21 5.76 -17.10 11.46
C GLY A 21 5.04 -17.36 10.15
N ILE A 22 5.54 -16.79 9.05
CA ILE A 22 4.87 -16.94 7.73
C ILE A 22 4.90 -18.40 7.24
N ARG A 23 6.07 -19.03 7.27
CA ARG A 23 6.24 -20.43 6.78
C ARG A 23 5.35 -21.40 7.57
N GLU A 24 5.30 -21.27 8.89
CA GLU A 24 4.56 -22.20 9.76
C GLU A 24 3.07 -21.84 9.88
N SER A 25 2.59 -20.83 9.17
CA SER A 25 1.19 -20.42 9.32
C SER A 25 0.24 -21.10 8.33
N ILE A 26 0.75 -21.68 7.26
CA ILE A 26 -0.10 -22.22 6.21
C ILE A 26 0.23 -23.68 6.03
N ASP A 27 -0.75 -24.42 5.52
CA ASP A 27 -0.49 -25.69 4.87
C ASP A 27 -0.15 -25.35 3.42
N TRP A 28 1.12 -24.99 3.19
CA TRP A 28 1.59 -24.61 1.83
C TRP A 28 1.25 -25.71 0.83
N ASN A 29 1.20 -26.95 1.31
CA ASN A 29 0.91 -28.15 0.46
C ASN A 29 -0.53 -28.05 -0.08
N GLU A 30 -1.45 -27.50 0.72
CA GLU A 30 -2.88 -27.36 0.33
C GLU A 30 -3.01 -26.45 -0.89
N PHE A 31 -2.07 -25.53 -1.09
CA PHE A 31 -2.09 -24.62 -2.23
C PHE A 31 -1.10 -25.04 -3.32
N ASN A 32 -0.70 -26.30 -3.33
CA ASN A 32 0.29 -26.80 -4.28
C ASN A 32 1.57 -25.95 -4.26
N MET A 33 2.00 -25.59 -3.05
CA MET A 33 3.18 -24.76 -2.88
C MET A 33 4.16 -25.44 -1.90
N GLU A 34 5.41 -24.99 -1.96
CA GLU A 34 6.37 -25.38 -0.94
C GLU A 34 7.42 -24.30 -0.75
N VAL A 35 7.72 -24.01 0.52
CA VAL A 35 8.75 -23.06 0.88
C VAL A 35 10.10 -23.76 0.72
N VAL A 36 10.88 -23.31 -0.25
CA VAL A 36 12.18 -23.91 -0.55
C VAL A 36 13.33 -23.06 -0.07
N ALA A 37 13.06 -21.89 0.52
CA ALA A 37 14.17 -21.03 0.91
C ALA A 37 13.65 -19.90 1.78
N GLU A 38 14.46 -19.55 2.76
CA GLU A 38 14.29 -18.34 3.53
C GLU A 38 15.60 -17.55 3.44
N ALA A 39 15.48 -16.23 3.44
CA ALA A 39 16.65 -15.38 3.34
C ALA A 39 16.52 -14.24 4.32
N GLU A 40 17.67 -13.81 4.85
CA GLU A 40 17.73 -12.74 5.84
C GLU A 40 18.30 -11.44 5.27
N ASP A 41 18.87 -11.45 4.07
CA ASP A 41 19.21 -10.22 3.37
C ASP A 41 18.94 -10.34 1.88
N GLY A 42 18.81 -9.18 1.22
CA GLY A 42 18.39 -9.17 -0.16
C GLY A 42 19.36 -9.85 -1.10
N GLU A 43 20.64 -9.90 -0.74
CA GLU A 43 21.65 -10.54 -1.58
C GLU A 43 21.50 -12.06 -1.54
N GLU A 44 21.37 -12.62 -0.34
CA GLU A 44 21.11 -14.06 -0.22
C GLU A 44 19.79 -14.40 -0.88
N ALA A 45 18.79 -13.52 -0.78
CA ALA A 45 17.49 -13.80 -1.38
C ALA A 45 17.58 -13.86 -2.90
N LEU A 46 18.27 -12.89 -3.52
CA LEU A 46 18.38 -12.93 -4.98
C LEU A 46 19.03 -14.22 -5.43
N GLU A 47 20.11 -14.60 -4.74
CA GLU A 47 20.84 -15.84 -5.03
C GLU A 47 19.95 -17.07 -4.87
N LEU A 48 19.21 -17.14 -3.77
CA LEU A 48 18.33 -18.28 -3.53
C LEU A 48 17.14 -18.30 -4.50
N ALA A 49 16.65 -17.14 -4.90
CA ALA A 49 15.55 -17.09 -5.85
C ALA A 49 15.98 -17.65 -7.22
N LEU A 50 17.18 -17.27 -7.68
CA LEU A 50 17.69 -17.82 -8.94
C LEU A 50 18.11 -19.28 -8.78
N ARG A 51 18.69 -19.62 -7.63
CA ARG A 51 19.13 -20.99 -7.45
C ARG A 51 17.96 -21.95 -7.57
N HIS A 52 16.80 -21.57 -7.02
CA HIS A 52 15.64 -22.44 -6.98
C HIS A 52 14.60 -22.14 -8.06
N ARG A 53 14.79 -21.07 -8.83
CA ARG A 53 13.80 -20.61 -9.80
CA ARG A 53 13.80 -20.60 -9.81
C ARG A 53 12.41 -20.56 -9.18
N VAL A 54 12.31 -19.84 -8.06
CA VAL A 54 11.06 -19.78 -7.32
C VAL A 54 9.99 -19.10 -8.16
N ASP A 55 8.74 -19.46 -7.87
CA ASP A 55 7.59 -18.90 -8.56
C ASP A 55 6.92 -17.79 -7.77
N VAL A 56 7.20 -17.72 -6.45
CA VAL A 56 6.52 -16.84 -5.50
C VAL A 56 7.56 -16.27 -4.55
N LEU A 57 7.57 -14.96 -4.38
CA LEU A 57 8.53 -14.30 -3.49
C LEU A 57 7.78 -13.38 -2.52
N PHE A 58 7.80 -13.75 -1.24
CA PHE A 58 7.47 -12.83 -0.16
C PHE A 58 8.70 -11.97 0.10
N VAL A 59 8.57 -10.65 0.01
CA VAL A 59 9.76 -9.80 0.11
C VAL A 59 9.50 -8.67 1.07
N ASP A 60 10.31 -8.59 2.11
CA ASP A 60 10.27 -7.43 2.99
C ASP A 60 10.89 -6.24 2.26
N LEU A 61 10.14 -5.15 2.17
CA LEU A 61 10.64 -3.93 1.58
C LEU A 61 11.99 -3.53 2.18
N SER A 62 12.21 -3.83 3.46
CA SER A 62 13.46 -3.45 4.14
C SER A 62 14.30 -4.70 4.40
N MET A 63 15.36 -4.86 3.60
CA MET A 63 16.37 -5.88 3.86
C MET A 63 17.74 -5.23 3.96
N PRO A 64 18.65 -5.85 4.73
CA PRO A 64 20.04 -5.39 4.74
C PRO A 64 20.79 -5.80 3.48
N ILE A 65 21.93 -5.12 3.28
CA ILE A 65 22.87 -5.34 2.19
C ILE A 65 22.25 -4.93 0.87
N MET A 66 21.27 -5.69 0.41
CA MET A 66 20.48 -5.34 -0.76
C MET A 66 19.04 -5.26 -0.30
N ASP A 67 18.40 -4.12 -0.56
CA ASP A 67 17.10 -3.92 0.05
C ASP A 67 15.99 -4.55 -0.79
N GLY A 68 14.80 -4.58 -0.21
CA GLY A 68 13.70 -5.32 -0.80
C GLY A 68 13.28 -4.82 -2.16
N LEU A 69 13.25 -3.49 -2.35
CA LEU A 69 12.83 -2.96 -3.63
C LEU A 69 13.80 -3.40 -4.71
N THR A 70 15.10 -3.21 -4.46
CA THR A 70 16.12 -3.65 -5.40
C THR A 70 16.00 -5.13 -5.73
N LEU A 71 15.63 -5.95 -4.74
CA LEU A 71 15.44 -7.38 -4.99
C LEU A 71 14.28 -7.62 -5.95
N MET A 72 13.22 -6.84 -5.83
CA MET A 72 12.06 -7.07 -6.67
C MET A 72 12.29 -6.59 -8.12
N LYS A 73 13.07 -5.50 -8.30
CA LYS A 73 13.45 -5.12 -9.65
C LYS A 73 14.23 -6.24 -10.32
N TYR A 74 15.22 -6.78 -9.62
CA TYR A 74 15.96 -7.94 -10.12
C TYR A 74 15.03 -9.14 -10.33
N ALA A 75 14.11 -9.38 -9.39
CA ALA A 75 13.24 -10.55 -9.50
C ALA A 75 12.30 -10.43 -10.70
N ARG A 76 11.78 -9.23 -10.95
CA ARG A 76 10.88 -9.07 -12.08
C ARG A 76 11.61 -9.22 -13.41
N GLU A 77 12.92 -8.95 -13.42
CA GLU A 77 13.76 -9.08 -14.60
C GLU A 77 14.20 -10.53 -14.83
N LYS A 78 14.69 -11.20 -13.78
CA LYS A 78 15.31 -12.51 -13.90
C LYS A 78 14.33 -13.66 -13.74
N LEU A 79 13.18 -13.39 -13.14
CA LEU A 79 12.07 -14.34 -13.02
C LEU A 79 10.84 -13.58 -13.48
N PRO A 80 10.72 -13.31 -14.78
CA PRO A 80 9.69 -12.38 -15.24
C PRO A 80 8.28 -12.85 -15.01
N ASN A 81 8.07 -14.14 -14.77
CA ASN A 81 6.74 -14.64 -14.45
C ASN A 81 6.52 -14.84 -12.95
N CYS A 82 7.50 -14.54 -12.11
CA CYS A 82 7.34 -14.80 -10.68
C CYS A 82 6.28 -13.88 -10.08
N HIS A 83 5.67 -14.34 -8.99
CA HIS A 83 4.63 -13.60 -8.30
C HIS A 83 5.19 -13.04 -6.98
N MET A 84 5.03 -11.75 -6.76
CA MET A 84 5.69 -11.07 -5.66
C MET A 84 4.67 -10.53 -4.66
N ILE A 85 4.88 -10.83 -3.38
CA ILE A 85 4.09 -10.28 -2.29
C ILE A 85 5.00 -9.42 -1.42
N VAL A 86 4.64 -8.15 -1.26
CA VAL A 86 5.49 -7.24 -0.50
C VAL A 86 5.16 -7.38 0.98
N ILE A 87 6.20 -7.49 1.82
CA ILE A 87 6.05 -7.48 3.27
C ILE A 87 6.43 -6.11 3.78
N THR A 88 5.56 -5.51 4.57
CA THR A 88 5.80 -4.17 5.09
C THR A 88 5.33 -4.08 6.52
N GLY A 89 6.13 -3.44 7.35
CA GLY A 89 5.66 -3.01 8.66
C GLY A 89 4.78 -1.79 8.54
N TYR A 90 4.12 -1.45 9.64
CA TYR A 90 3.25 -0.29 9.63
C TYR A 90 4.04 0.99 9.37
N ASP A 91 5.29 1.04 9.84
CA ASP A 91 6.07 2.27 9.83
C ASP A 91 6.69 2.60 8.47
N GLU A 92 6.46 1.79 7.45
CA GLU A 92 6.83 2.20 6.08
C GLU A 92 5.88 1.56 5.09
N PHE A 93 4.63 1.42 5.45
CA PHE A 93 3.58 1.06 4.50
C PHE A 93 3.61 2.01 3.31
N SER A 94 3.86 3.29 3.55
CA SER A 94 3.91 4.27 2.47
C SER A 94 4.82 3.80 1.33
N TYR A 95 5.92 3.12 1.67
CA TYR A 95 6.96 2.82 0.69
C TYR A 95 6.53 1.77 -0.33
N ALA A 96 5.52 0.95 -0.02
CA ALA A 96 5.06 -0.08 -0.96
C ALA A 96 4.62 0.50 -2.30
N GLN A 97 4.23 1.78 -2.35
CA GLN A 97 3.79 2.38 -3.61
C GLN A 97 4.91 2.36 -4.65
N GLU A 98 6.17 2.44 -4.21
CA GLU A 98 7.30 2.31 -5.12
C GLU A 98 7.37 0.96 -5.82
N ALA A 99 6.65 -0.05 -5.34
CA ALA A 99 6.70 -1.38 -5.95
C ALA A 99 5.56 -1.62 -6.91
N ILE A 100 4.65 -0.66 -7.06
CA ILE A 100 3.45 -0.87 -7.88
C ILE A 100 3.85 -1.15 -9.31
N ARG A 101 4.89 -0.45 -9.79
CA ARG A 101 5.33 -0.57 -11.20
C ARG A 101 6.00 -1.91 -11.49
N LEU A 102 6.35 -2.68 -10.46
CA LEU A 102 7.04 -3.96 -10.69
C LEU A 102 6.05 -5.13 -10.75
N GLN A 103 4.75 -4.82 -10.79
CA GLN A 103 3.64 -5.82 -10.87
C GLN A 103 3.66 -6.73 -9.63
N VAL A 104 3.14 -6.22 -8.50
CA VAL A 104 3.07 -6.98 -7.22
C VAL A 104 1.66 -7.56 -7.06
N ASP A 105 1.56 -8.83 -6.68
CA ASP A 105 0.25 -9.49 -6.55
C ASP A 105 -0.52 -9.08 -5.30
N ASP A 106 0.18 -8.73 -4.23
CA ASP A 106 -0.50 -8.31 -3.00
C ASP A 106 0.53 -7.77 -2.02
N TYR A 107 0.02 -7.14 -0.96
CA TYR A 107 0.86 -6.48 0.02
C TYR A 107 0.50 -6.97 1.40
N LEU A 108 1.52 -7.20 2.23
CA LEU A 108 1.36 -7.92 3.48
C LEU A 108 1.86 -7.05 4.62
N LEU A 109 0.94 -6.63 5.48
CA LEU A 109 1.32 -5.99 6.73
C LEU A 109 1.89 -7.01 7.70
N LYS A 110 3.04 -6.70 8.27
CA LYS A 110 3.53 -7.59 9.31
C LYS A 110 3.39 -6.93 10.69
N PRO A 111 3.12 -7.70 11.75
CA PRO A 111 2.87 -9.15 11.70
C PRO A 111 1.50 -9.44 11.11
N THR A 112 1.27 -10.68 10.70
CA THR A 112 0.09 -11.06 9.94
C THR A 112 -0.62 -12.22 10.60
N ASP A 113 -1.92 -12.29 10.40
CA ASP A 113 -2.68 -13.42 10.89
C ASP A 113 -2.88 -14.44 9.78
N PRO A 114 -3.03 -15.71 10.13
CA PRO A 114 -3.07 -16.76 9.09
C PRO A 114 -4.18 -16.62 8.08
N GLN A 115 -5.33 -16.03 8.40
CA GLN A 115 -6.37 -16.05 7.38
C GLN A 115 -6.18 -14.93 6.37
N ARG A 116 -5.62 -13.80 6.79
CA ARG A 116 -5.14 -12.82 5.83
C ARG A 116 -4.07 -13.45 4.92
N LEU A 117 -3.06 -14.08 5.54
CA LEU A 117 -2.05 -14.82 4.78
C LEU A 117 -2.69 -15.83 3.83
N ARG A 118 -3.56 -16.68 4.38
CA ARG A 118 -4.31 -17.63 3.55
C ARG A 118 -4.97 -16.94 2.36
N GLU A 119 -5.45 -15.70 2.55
CA GLU A 119 -6.08 -14.95 1.47
C GLU A 119 -5.06 -14.60 0.39
N VAL A 120 -3.91 -14.05 0.80
CA VAL A 120 -2.87 -13.69 -0.17
C VAL A 120 -2.44 -14.93 -0.95
N VAL A 121 -2.14 -16.01 -0.23
CA VAL A 121 -1.62 -17.23 -0.86
C VAL A 121 -2.65 -17.83 -1.80
N ALA A 122 -3.94 -17.76 -1.44
CA ALA A 122 -4.96 -18.31 -2.34
C ALA A 122 -5.10 -17.45 -3.59
N LYS A 123 -4.85 -16.14 -3.47
CA LYS A 123 -4.85 -15.28 -4.64
C LYS A 123 -3.72 -15.66 -5.58
N VAL A 124 -2.48 -15.74 -5.07
CA VAL A 124 -1.34 -16.12 -5.89
C VAL A 124 -1.59 -17.45 -6.59
N LYS A 125 -2.15 -18.43 -5.87
CA LYS A 125 -2.39 -19.72 -6.48
C LYS A 125 -3.39 -19.61 -7.63
N GLU A 126 -4.32 -18.66 -7.52
CA GLU A 126 -5.25 -18.39 -8.60
C GLU A 126 -4.50 -17.97 -9.87
N LYS A 127 -3.72 -16.89 -9.75
CA LYS A 127 -2.93 -16.41 -10.88
C LYS A 127 -2.02 -17.51 -11.44
N LEU A 128 -1.35 -18.25 -10.54
CA LEU A 128 -0.44 -19.30 -10.98
C LEU A 128 -1.18 -20.37 -11.77
N GLU A 129 -2.40 -20.72 -11.34
CA GLU A 129 -3.18 -21.70 -12.10
C GLU A 129 -3.67 -21.13 -13.42
N GLN A 130 -3.94 -19.82 -13.46
CA GLN A 130 -4.43 -19.16 -14.67
C GLN A 130 -3.50 -19.35 -15.86
N GLU A 131 -2.20 -19.52 -15.62
CA GLU A 131 -1.22 -19.57 -16.69
C GLU A 131 -0.71 -20.98 -16.99
N GLN A 132 -1.19 -22.00 -16.27
CA GLN A 132 -0.81 -23.39 -16.56
C GLN A 132 -1.99 -24.33 -16.32
N HIS B 4 -0.92 34.07 4.73
CA HIS B 4 -1.71 34.37 3.51
C HIS B 4 -3.11 33.78 3.64
N HIS B 5 -3.25 32.49 3.32
CA HIS B 5 -4.55 31.77 3.42
C HIS B 5 -4.24 30.27 3.49
N HIS B 6 -4.90 29.54 4.41
CA HIS B 6 -4.61 28.12 4.58
C HIS B 6 -4.99 27.32 3.33
N TRP B 7 -4.27 26.22 3.10
CA TRP B 7 -4.75 25.21 2.19
C TRP B 7 -5.83 24.36 2.87
N LYS B 8 -6.85 24.00 2.10
CA LYS B 8 -8.08 23.42 2.65
C LYS B 8 -8.06 21.90 2.48
N VAL B 9 -8.47 21.18 3.54
CA VAL B 9 -8.36 19.72 3.57
C VAL B 9 -9.74 19.12 3.76
N LEU B 10 -10.01 18.04 3.02
CA LEU B 10 -11.22 17.24 3.18
C LEU B 10 -10.82 15.83 3.56
N ILE B 11 -11.47 15.27 4.57
CA ILE B 11 -11.27 13.89 4.98
C ILE B 11 -12.55 13.11 4.65
N ALA B 12 -12.41 12.12 3.78
CA ALA B 12 -13.48 11.19 3.41
C ALA B 12 -13.10 9.80 3.89
N ASP B 13 -13.94 9.22 4.74
CA ASP B 13 -13.75 7.87 5.25
C ASP B 13 -15.07 7.44 5.84
N ASP B 14 -15.40 6.16 5.71
CA ASP B 14 -16.69 5.68 6.17
C ASP B 14 -16.75 5.43 7.68
N GLU B 15 -15.69 5.72 8.42
CA GLU B 15 -15.66 5.44 9.85
C GLU B 15 -15.21 6.67 10.62
N ALA B 16 -16.10 7.20 11.46
CA ALA B 16 -15.77 8.40 12.22
C ALA B 16 -14.49 8.22 13.00
N ILE B 17 -14.24 7.02 13.52
CA ILE B 17 -13.08 6.80 14.37
C ILE B 17 -11.80 7.03 13.59
N ILE B 18 -11.79 6.65 12.31
CA ILE B 18 -10.62 6.93 11.48
C ILE B 18 -10.61 8.39 11.05
N ARG B 19 -11.79 8.96 10.78
CA ARG B 19 -11.89 10.36 10.38
C ARG B 19 -11.45 11.31 11.50
N GLU B 20 -12.02 11.15 12.70
CA GLU B 20 -11.61 11.97 13.83
C GLU B 20 -10.13 11.76 14.14
N GLY B 21 -9.67 10.51 14.08
CA GLY B 21 -8.26 10.24 14.34
C GLY B 21 -7.33 11.03 13.44
N ILE B 22 -7.64 11.11 12.15
CA ILE B 22 -6.79 11.86 11.23
C ILE B 22 -6.85 13.34 11.55
N ARG B 23 -8.07 13.88 11.74
CA ARG B 23 -8.23 15.30 12.00
C ARG B 23 -7.49 15.74 13.27
N GLU B 24 -7.51 14.91 14.32
CA GLU B 24 -6.95 15.25 15.62
C GLU B 24 -5.49 14.89 15.78
N SER B 25 -4.86 14.26 14.79
CA SER B 25 -3.54 13.69 14.99
C SER B 25 -2.42 14.71 14.85
N ILE B 26 -2.62 15.78 14.08
CA ILE B 26 -1.57 16.76 13.82
C ILE B 26 -2.14 18.15 14.06
N ASP B 27 -1.23 19.12 14.09
CA ASP B 27 -1.60 20.53 14.05
C ASP B 27 -1.60 20.94 12.58
N TRP B 28 -2.78 20.91 11.96
CA TRP B 28 -2.87 21.26 10.55
C TRP B 28 -2.36 22.66 10.31
N ASN B 29 -2.58 23.54 11.29
CA ASN B 29 -2.18 24.96 11.22
C ASN B 29 -0.67 25.06 10.94
N GLU B 30 0.10 24.14 11.53
CA GLU B 30 1.57 24.13 11.31
C GLU B 30 1.83 24.09 9.81
N PHE B 31 1.22 23.13 9.10
CA PHE B 31 1.45 22.97 7.65
C PHE B 31 0.55 23.90 6.83
N ASN B 32 0.21 25.08 7.37
CA ASN B 32 -0.62 26.03 6.65
C ASN B 32 -1.90 25.37 6.11
N MET B 33 -2.48 24.49 6.92
CA MET B 33 -3.70 23.80 6.50
C MET B 33 -4.78 23.92 7.55
N GLU B 34 -6.01 23.64 7.10
CA GLU B 34 -7.17 23.56 7.94
C GLU B 34 -8.09 22.50 7.37
N VAL B 35 -8.69 21.71 8.24
CA VAL B 35 -9.66 20.70 7.84
C VAL B 35 -11.01 21.39 7.76
N VAL B 36 -11.54 21.56 6.55
CA VAL B 36 -12.79 22.29 6.35
C VAL B 36 -14.01 21.38 6.22
N ALA B 37 -13.81 20.08 6.06
CA ALA B 37 -14.94 19.17 5.87
C ALA B 37 -14.56 17.73 6.18
N GLU B 38 -15.55 16.97 6.62
CA GLU B 38 -15.46 15.53 6.73
C GLU B 38 -16.65 14.93 6.01
N ALA B 39 -16.51 13.71 5.53
CA ALA B 39 -17.63 13.13 4.81
C ALA B 39 -17.68 11.64 5.11
N GLU B 40 -18.89 11.12 5.23
CA GLU B 40 -19.10 9.71 5.54
C GLU B 40 -19.45 8.87 4.33
N ASP B 41 -19.88 9.49 3.23
CA ASP B 41 -20.04 8.76 1.98
C ASP B 41 -19.51 9.58 0.82
N GLY B 42 -19.21 8.86 -0.28
CA GLY B 42 -18.51 9.48 -1.38
C GLY B 42 -19.29 10.57 -2.05
N GLU B 43 -20.63 10.47 -2.07
CA GLU B 43 -21.37 11.54 -2.72
C GLU B 43 -21.42 12.76 -1.83
N GLU B 44 -21.50 12.58 -0.51
CA GLU B 44 -21.32 13.71 0.40
C GLU B 44 -19.96 14.36 0.17
N ALA B 45 -18.92 13.54 0.00
CA ALA B 45 -17.56 14.07 -0.13
C ALA B 45 -17.42 14.92 -1.39
N LEU B 46 -17.92 14.43 -2.53
CA LEU B 46 -17.74 15.20 -3.77
C LEU B 46 -18.41 16.55 -3.65
N GLU B 47 -19.63 16.58 -3.12
CA GLU B 47 -20.34 17.84 -2.96
C GLU B 47 -19.60 18.77 -2.01
N LEU B 48 -19.03 18.23 -0.94
CA LEU B 48 -18.27 19.07 -0.02
C LEU B 48 -16.93 19.50 -0.62
N ALA B 49 -16.27 18.59 -1.34
CA ALA B 49 -15.05 18.94 -2.04
C ALA B 49 -15.24 20.15 -2.96
N LEU B 50 -16.37 20.21 -3.68
CA LEU B 50 -16.58 21.29 -4.64
C LEU B 50 -17.05 22.58 -3.96
N ARG B 51 -17.89 22.44 -2.94
CA ARG B 51 -18.39 23.61 -2.23
C ARG B 51 -17.23 24.38 -1.59
N HIS B 52 -16.25 23.67 -1.05
CA HIS B 52 -15.10 24.30 -0.42
C HIS B 52 -13.90 24.43 -1.36
N ARG B 53 -13.98 23.86 -2.56
CA ARG B 53 -12.86 23.85 -3.51
C ARG B 53 -11.55 23.45 -2.81
N VAL B 54 -11.60 22.28 -2.15
CA VAL B 54 -10.49 21.89 -1.29
C VAL B 54 -9.23 21.67 -2.11
N ASP B 55 -8.08 21.83 -1.45
CA ASP B 55 -6.78 21.61 -2.06
C ASP B 55 -6.26 20.20 -1.82
N VAL B 56 -6.67 19.58 -0.71
CA VAL B 56 -6.14 18.30 -0.24
C VAL B 56 -7.32 17.38 0.09
N LEU B 57 -7.27 16.14 -0.40
CA LEU B 57 -8.31 15.15 -0.18
C LEU B 57 -7.70 13.88 0.40
N PHE B 58 -8.04 13.57 1.66
CA PHE B 58 -7.85 12.22 2.21
C PHE B 58 -9.07 11.41 1.80
N VAL B 59 -8.84 10.30 1.07
CA VAL B 59 -9.95 9.52 0.51
C VAL B 59 -9.77 8.06 0.87
N ASP B 60 -10.83 7.44 1.35
CA ASP B 60 -10.88 6.03 1.62
C ASP B 60 -11.41 5.34 0.36
N LEU B 61 -10.70 4.31 -0.10
CA LEU B 61 -11.18 3.60 -1.28
C LEU B 61 -12.57 3.04 -1.09
N SER B 62 -12.88 2.61 0.12
CA SER B 62 -14.17 2.03 0.42
C SER B 62 -15.07 3.09 1.03
N MET B 63 -16.06 3.53 0.26
CA MET B 63 -17.09 4.43 0.77
C MET B 63 -18.42 4.05 0.15
N PRO B 64 -19.50 4.21 0.92
CA PRO B 64 -20.83 3.81 0.43
C PRO B 64 -21.44 4.88 -0.46
N ILE B 65 -22.49 4.45 -1.18
CA ILE B 65 -23.24 5.25 -2.14
C ILE B 65 -22.33 5.48 -3.35
N MET B 66 -21.29 6.27 -3.19
CA MET B 66 -20.27 6.45 -4.23
C MET B 66 -18.92 6.12 -3.61
N ASP B 67 -18.21 5.17 -4.21
CA ASP B 67 -16.97 4.68 -3.63
C ASP B 67 -15.81 5.64 -3.84
N GLY B 68 -14.74 5.43 -3.05
CA GLY B 68 -13.62 6.36 -3.06
C GLY B 68 -12.90 6.44 -4.40
N LEU B 69 -12.91 5.37 -5.18
CA LEU B 69 -12.27 5.41 -6.49
C LEU B 69 -13.00 6.36 -7.42
N THR B 70 -14.34 6.30 -7.43
CA THR B 70 -15.13 7.22 -8.23
C THR B 70 -14.97 8.66 -7.77
N LEU B 71 -14.96 8.87 -6.45
CA LEU B 71 -14.67 10.19 -5.91
C LEU B 71 -13.35 10.73 -6.45
N MET B 72 -12.29 9.92 -6.44
CA MET B 72 -10.99 10.40 -6.88
C MET B 72 -10.99 10.73 -8.37
N LYS B 73 -11.76 9.97 -9.17
CA LYS B 73 -11.85 10.27 -10.60
C LYS B 73 -12.56 11.59 -10.80
N TYR B 74 -13.67 11.80 -10.10
CA TYR B 74 -14.35 13.09 -10.15
C TYR B 74 -13.46 14.23 -9.65
N ALA B 75 -12.65 13.97 -8.62
CA ALA B 75 -11.84 15.06 -8.05
C ALA B 75 -10.68 15.45 -8.98
N ARG B 76 -10.00 14.48 -9.59
CA ARG B 76 -8.94 14.84 -10.52
C ARG B 76 -9.49 15.66 -11.68
N GLU B 77 -10.75 15.44 -12.05
CA GLU B 77 -11.37 16.12 -13.18
C GLU B 77 -11.86 17.51 -12.79
N LYS B 78 -12.54 17.62 -11.64
CA LYS B 78 -13.19 18.85 -11.26
C LYS B 78 -12.30 19.75 -10.40
N LEU B 79 -11.26 19.20 -9.78
CA LEU B 79 -10.27 19.98 -9.03
C LEU B 79 -8.91 19.52 -9.52
N PRO B 80 -8.54 19.93 -10.74
CA PRO B 80 -7.41 19.28 -11.41
C PRO B 80 -6.08 19.45 -10.72
N ASN B 81 -5.96 20.45 -9.84
CA ASN B 81 -4.74 20.63 -9.08
C ASN B 81 -4.81 20.10 -7.63
N CYS B 82 -5.88 19.42 -7.23
CA CYS B 82 -5.96 18.97 -5.84
C CYS B 82 -4.97 17.84 -5.57
N HIS B 83 -4.62 17.69 -4.30
CA HIS B 83 -3.73 16.62 -3.87
C HIS B 83 -4.51 15.54 -3.14
N MET B 84 -4.26 14.29 -3.50
CA MET B 84 -5.03 13.19 -2.97
C MET B 84 -4.14 12.22 -2.20
N ILE B 85 -4.62 11.84 -1.02
CA ILE B 85 -4.01 10.81 -0.19
C ILE B 85 -5.05 9.72 -0.04
N VAL B 86 -4.70 8.50 -0.43
CA VAL B 86 -5.62 7.38 -0.36
C VAL B 86 -5.49 6.76 1.03
N ILE B 87 -6.61 6.66 1.74
CA ILE B 87 -6.67 5.98 3.03
C ILE B 87 -6.91 4.51 2.76
N THR B 88 -5.96 3.67 3.14
CA THR B 88 -5.91 2.26 2.76
C THR B 88 -5.96 1.38 4.00
N GLY B 89 -6.84 0.39 3.99
CA GLY B 89 -6.80 -0.63 5.03
C GLY B 89 -5.58 -1.53 4.90
N TYR B 90 -5.31 -2.27 5.97
CA TYR B 90 -4.13 -3.15 6.00
C TYR B 90 -4.21 -4.26 4.95
N ASP B 91 -5.39 -4.54 4.42
CA ASP B 91 -5.60 -5.63 3.48
C ASP B 91 -6.07 -5.16 2.12
N GLU B 92 -5.94 -3.87 1.81
CA GLU B 92 -6.57 -3.28 0.64
C GLU B 92 -5.58 -2.76 -0.40
N PHE B 93 -4.28 -2.78 -0.12
CA PHE B 93 -3.36 -2.01 -0.95
C PHE B 93 -3.32 -2.50 -2.39
N SER B 94 -3.55 -3.79 -2.63
CA SER B 94 -3.63 -4.26 -4.02
C SER B 94 -4.82 -3.65 -4.73
N TYR B 95 -5.82 -3.17 -4.00
CA TYR B 95 -6.88 -2.38 -4.61
C TYR B 95 -6.47 -0.91 -4.71
N ALA B 96 -5.72 -0.41 -3.73
CA ALA B 96 -5.36 1.00 -3.71
C ALA B 96 -4.41 1.36 -4.85
N GLN B 97 -3.59 0.41 -5.28
CA GLN B 97 -2.50 0.75 -6.17
C GLN B 97 -2.99 1.21 -7.54
N GLU B 98 -4.21 0.88 -7.93
CA GLU B 98 -4.69 1.42 -9.20
C GLU B 98 -5.07 2.90 -9.10
N ALA B 99 -5.06 3.50 -7.91
CA ALA B 99 -5.22 4.94 -7.80
C ALA B 99 -4.10 5.72 -8.47
N ILE B 100 -3.01 5.07 -8.86
CA ILE B 100 -1.87 5.80 -9.44
C ILE B 100 -2.25 6.48 -10.75
N ARG B 101 -3.27 5.96 -11.44
CA ARG B 101 -3.62 6.52 -12.75
C ARG B 101 -4.33 7.85 -12.62
N LEU B 102 -4.76 8.20 -11.41
CA LEU B 102 -5.27 9.52 -11.09
C LEU B 102 -4.23 10.36 -10.37
N GLN B 103 -2.99 9.90 -10.39
CA GLN B 103 -1.84 10.51 -9.73
C GLN B 103 -2.09 10.97 -8.30
N VAL B 104 -2.16 10.02 -7.37
CA VAL B 104 -2.33 10.37 -5.96
C VAL B 104 -0.98 10.71 -5.35
N ASP B 105 -0.97 11.71 -4.48
CA ASP B 105 0.26 12.12 -3.79
C ASP B 105 0.80 11.03 -2.85
N ASP B 106 -0.04 10.25 -2.19
CA ASP B 106 0.47 9.30 -1.20
C ASP B 106 -0.62 8.35 -0.74
N TYR B 107 -0.19 7.38 0.07
CA TYR B 107 -1.03 6.34 0.63
C TYR B 107 -0.89 6.38 2.15
N LEU B 108 -2.01 6.23 2.86
CA LEU B 108 -2.00 6.33 4.32
C LEU B 108 -2.73 5.13 4.92
N LEU B 109 -2.07 4.43 5.83
CA LEU B 109 -2.63 3.20 6.37
C LEU B 109 -3.63 3.52 7.47
N LYS B 110 -4.81 2.89 7.40
CA LYS B 110 -5.64 3.07 8.58
C LYS B 110 -5.57 1.83 9.46
N PRO B 111 -5.42 1.98 10.79
CA PRO B 111 -5.38 3.27 11.48
C PRO B 111 -4.07 4.03 11.33
N THR B 112 -4.20 5.35 11.32
CA THR B 112 -3.07 6.25 11.14
C THR B 112 -2.42 6.58 12.48
N ASP B 113 -1.13 6.78 12.45
CA ASP B 113 -0.48 7.35 13.61
C ASP B 113 0.09 8.73 13.27
N PRO B 114 0.26 9.60 14.27
CA PRO B 114 0.60 11.00 13.94
C PRO B 114 1.98 11.19 13.35
N GLN B 115 2.91 10.25 13.54
CA GLN B 115 4.23 10.46 12.96
C GLN B 115 4.16 10.48 11.43
N ARG B 116 3.58 9.41 10.88
CA ARG B 116 3.47 9.19 9.41
C ARG B 116 2.53 10.18 8.75
N LEU B 117 1.39 10.49 9.40
CA LEU B 117 0.43 11.41 8.83
C LEU B 117 1.09 12.73 8.46
N ARG B 118 1.92 13.26 9.36
CA ARG B 118 2.56 14.52 9.05
C ARG B 118 3.77 14.34 8.16
N GLU B 119 4.29 13.12 8.03
CA GLU B 119 5.17 12.82 6.90
C GLU B 119 4.43 13.01 5.60
N VAL B 120 3.19 12.49 5.54
CA VAL B 120 2.36 12.69 4.36
C VAL B 120 2.05 14.18 4.18
N VAL B 121 1.61 14.84 5.25
CA VAL B 121 1.21 16.24 5.12
C VAL B 121 2.42 17.14 4.92
N ALA B 122 3.61 16.70 5.37
CA ALA B 122 4.81 17.46 5.09
C ALA B 122 5.05 17.54 3.59
N LYS B 123 4.97 16.39 2.91
CA LYS B 123 5.25 16.36 1.48
C LYS B 123 4.18 17.12 0.70
N VAL B 124 2.90 16.86 1.00
CA VAL B 124 1.82 17.60 0.35
C VAL B 124 2.05 19.10 0.47
N LYS B 125 2.43 19.57 1.67
CA LYS B 125 2.74 20.98 1.82
C LYS B 125 3.92 21.39 0.93
N GLU B 126 4.89 20.50 0.72
CA GLU B 126 6.04 20.81 -0.12
C GLU B 126 5.59 21.18 -1.53
N LYS B 127 4.94 20.23 -2.21
CA LYS B 127 4.44 20.50 -3.56
C LYS B 127 3.52 21.70 -3.59
N LEU B 128 2.64 21.81 -2.60
CA LEU B 128 1.72 22.94 -2.56
C LEU B 128 2.47 24.26 -2.48
N GLU B 129 3.65 24.29 -1.85
CA GLU B 129 4.43 25.51 -1.83
C GLU B 129 5.06 25.79 -3.19
N GLN B 130 5.35 24.74 -3.97
CA GLN B 130 5.99 24.91 -5.26
C GLN B 130 5.02 25.43 -6.31
N GLU B 131 3.75 25.02 -6.22
CA GLU B 131 2.74 25.43 -7.19
C GLU B 131 2.34 26.89 -7.04
N GLN B 132 2.89 27.61 -6.05
CA GLN B 132 2.75 29.06 -5.99
C GLN B 132 4.13 29.61 -5.63
N LYS B 133 4.99 29.71 -6.63
CA LYS B 133 6.30 30.30 -6.45
C LYS B 133 6.48 31.44 -7.44
C1 PEG C . 12.03 -1.95 11.13
O1 PEG C . 10.87 -2.32 10.38
C2 PEG C . 13.26 -2.60 10.60
O2 PEG C . 13.59 -2.07 9.33
C3 PEG C . 14.91 -1.55 9.26
C4 PEG C . 14.99 -0.48 8.22
O4 PEG C . 15.48 0.74 8.74
C1 PEG D . 9.64 -17.38 -12.08
O1 PEG D . 8.33 -17.82 -12.10
C2 PEG D . 10.29 -17.58 -13.47
O2 PEG D . 9.95 -16.57 -14.38
C3 PEG D . 9.85 -17.06 -15.70
C4 PEG D . 11.22 -17.36 -16.31
O4 PEG D . 11.30 -16.80 -17.61
C1 PEG E . -15.24 -0.51 4.96
O1 PEG E . -14.46 -0.35 6.12
C2 PEG E . -15.06 -1.85 4.32
O2 PEG E . -14.84 -2.84 5.33
C3 PEG E . -13.50 -3.24 5.42
C4 PEG E . -12.58 -2.07 5.22
O4 PEG E . -11.75 -1.84 6.33
#